data_3N72
#
_entry.id   3N72
#
_cell.length_a   63.709
_cell.length_b   63.709
_cell.length_c   61.722
_cell.angle_alpha   90.000
_cell.angle_beta   90.000
_cell.angle_gamma   120.000
#
_symmetry.space_group_name_H-M   'P 31'
#
loop_
_entity.id
_entity.type
_entity.pdbx_description
1 polymer 'putative activator of HSP90'
2 non-polymer 'THIOCYANATE ION'
3 water water
#
_entity_poly.entity_id   1
_entity_poly.type   'polypeptide(L)'
_entity_poly.pdbx_seq_one_letter_code
;MHHHHHHSSGRENLYFQGERNYNKWAESYIKYNLSNLKIEKEDLTIYFDNLQVSGNACVSIRKGKQINSFEYIIKFEWLY
SKKKEGKDYFGGSVEIPDFSTFSLEENDYAINIERTDESENLRFIYDSILKKEGKEKIKECLKNFQEDLLKHDKNESNKE
LKIK
;
_entity_poly.pdbx_strand_id   A,B
#
loop_
_chem_comp.id
_chem_comp.type
_chem_comp.name
_chem_comp.formula
SCN non-polymer 'THIOCYANATE ION' 'C N S -1'
#
# COMPACT_ATOMS: atom_id res chain seq x y z
N SER A 8 21.26 4.17 -15.41
CA SER A 8 21.74 3.29 -16.52
C SER A 8 23.25 3.46 -16.74
N SER A 9 23.77 4.69 -16.58
CA SER A 9 25.21 4.94 -16.75
C SER A 9 26.03 4.84 -15.46
N GLY A 10 27.34 4.65 -15.59
CA GLY A 10 28.23 4.64 -14.42
C GLY A 10 28.13 5.92 -13.60
N ARG A 11 27.94 7.04 -14.30
CA ARG A 11 27.80 8.34 -13.64
C ARG A 11 26.56 8.34 -12.72
N GLU A 12 25.42 7.91 -13.27
CA GLU A 12 24.18 7.80 -12.50
C GLU A 12 24.34 6.76 -11.35
N ASN A 13 25.01 5.63 -11.61
CA ASN A 13 25.19 4.66 -10.52
C ASN A 13 25.97 5.23 -9.33
N LEU A 14 26.95 6.10 -9.59
CA LEU A 14 27.74 6.69 -8.53
C LEU A 14 26.98 7.83 -7.81
N TYR A 15 26.33 8.70 -8.57
CA TYR A 15 25.80 9.96 -8.03
C TYR A 15 24.27 10.07 -7.86
N PHE A 16 23.52 9.10 -8.38
CA PHE A 16 22.06 9.16 -8.26
C PHE A 16 21.66 9.17 -6.78
N GLN A 17 20.82 10.15 -6.41
CA GLN A 17 20.48 10.41 -4.99
C GLN A 17 19.25 9.65 -4.51
N GLY A 18 18.63 8.88 -5.41
CA GLY A 18 17.55 7.94 -5.05
C GLY A 18 16.18 8.40 -5.52
N GLU A 19 15.22 7.48 -5.50
CA GLU A 19 13.86 7.78 -5.87
C GLU A 19 13.14 8.11 -4.57
N ARG A 20 12.86 9.40 -4.33
N ARG A 20 12.87 9.39 -4.32
CA ARG A 20 12.18 9.84 -3.12
CA ARG A 20 12.25 9.77 -3.06
C ARG A 20 10.71 9.43 -3.18
C ARG A 20 10.74 9.52 -3.12
N ASN A 21 10.22 8.82 -2.11
CA ASN A 21 8.83 8.42 -2.04
C ASN A 21 8.00 9.38 -1.24
N TYR A 22 6.83 9.72 -1.76
CA TYR A 22 5.97 10.71 -1.10
C TYR A 22 4.56 10.18 -0.82
N ASN A 23 4.51 8.90 -0.45
CA ASN A 23 3.25 8.23 -0.25
C ASN A 23 2.44 8.93 0.81
N LYS A 24 3.06 9.22 1.96
CA LYS A 24 2.32 9.81 3.09
C LYS A 24 1.78 11.18 2.68
N TRP A 25 2.64 12.00 2.08
CA TRP A 25 2.26 13.35 1.69
C TRP A 25 1.11 13.29 0.69
N ALA A 26 1.20 12.41 -0.31
CA ALA A 26 0.18 12.38 -1.37
C ALA A 26 -1.19 11.93 -0.88
N GLU A 27 -1.18 10.88 -0.05
CA GLU A 27 -2.42 10.39 0.57
C GLU A 27 -3.07 11.47 1.42
N SER A 28 -2.27 12.11 2.28
CA SER A 28 -2.76 13.20 3.13
C SER A 28 -3.32 14.40 2.34
N TYR A 29 -2.63 14.83 1.28
CA TYR A 29 -3.10 15.92 0.38
C TYR A 29 -4.45 15.67 -0.30
N ILE A 30 -4.59 14.49 -0.91
CA ILE A 30 -5.83 14.08 -1.55
C ILE A 30 -6.95 14.03 -0.50
N LYS A 31 -6.67 13.37 0.61
CA LYS A 31 -7.66 13.24 1.69
C LYS A 31 -8.08 14.59 2.27
N TYR A 32 -7.11 15.44 2.56
CA TYR A 32 -7.41 16.73 3.22
C TYR A 32 -8.21 17.60 2.28
N ASN A 33 -7.78 17.69 1.03
CA ASN A 33 -8.44 18.58 0.10
C ASN A 33 -9.87 18.13 -0.26
N LEU A 34 -10.06 16.85 -0.53
CA LEU A 34 -11.39 16.33 -0.85
C LEU A 34 -12.34 16.33 0.35
N SER A 35 -11.81 16.04 1.54
N SER A 35 -11.79 16.06 1.55
CA SER A 35 -12.65 16.04 2.75
CA SER A 35 -12.57 16.05 2.82
C SER A 35 -13.16 17.44 3.10
C SER A 35 -13.01 17.45 3.27
N ASN A 36 -12.43 18.47 2.66
CA ASN A 36 -12.76 19.85 2.97
C ASN A 36 -13.48 20.53 1.82
N LEU A 37 -13.78 19.76 0.78
CA LEU A 37 -14.53 20.26 -0.36
C LEU A 37 -16.04 20.13 -0.10
N LYS A 38 -16.75 21.24 -0.27
CA LYS A 38 -18.21 21.29 -0.14
C LYS A 38 -18.76 21.96 -1.39
N ILE A 39 -19.99 21.60 -1.77
CA ILE A 39 -20.67 22.30 -2.84
C ILE A 39 -21.95 22.87 -2.23
N GLU A 40 -21.97 24.20 -2.07
CA GLU A 40 -23.03 24.92 -1.36
C GLU A 40 -23.57 26.05 -2.21
N THR A 45 -26.16 21.81 0.26
CA THR A 45 -24.81 21.43 0.69
C THR A 45 -24.45 19.97 0.37
N ILE A 46 -23.47 19.77 -0.50
CA ILE A 46 -22.91 18.44 -0.78
C ILE A 46 -21.53 18.32 -0.13
N TYR A 47 -21.32 17.25 0.65
CA TYR A 47 -20.03 16.99 1.29
C TYR A 47 -19.46 15.63 0.90
N PHE A 48 -18.17 15.45 1.22
CA PHE A 48 -17.46 14.22 0.92
C PHE A 48 -16.79 13.70 2.17
N ASP A 49 -16.89 12.39 2.34
CA ASP A 49 -16.47 11.69 3.53
C ASP A 49 -16.02 10.27 3.11
N ASN A 50 -15.45 9.53 4.05
CA ASN A 50 -15.05 8.12 3.90
C ASN A 50 -13.97 7.95 2.84
N LEU A 51 -12.90 8.72 2.98
CA LEU A 51 -11.85 8.73 1.95
C LEU A 51 -10.83 7.59 2.09
N GLN A 52 -10.64 6.91 0.96
CA GLN A 52 -9.63 5.84 0.83
C GLN A 52 -8.76 6.22 -0.37
N VAL A 53 -7.45 6.30 -0.13
CA VAL A 53 -6.51 6.73 -1.17
C VAL A 53 -5.41 5.69 -1.23
N SER A 54 -5.30 5.03 -2.40
CA SER A 54 -4.50 3.82 -2.56
C SER A 54 -3.55 4.01 -3.72
N GLY A 55 -2.25 4.02 -3.43
CA GLY A 55 -1.29 4.15 -4.53
C GLY A 55 0.11 4.55 -4.08
N ASN A 56 0.83 5.19 -4.99
CA ASN A 56 2.23 5.53 -4.78
C ASN A 56 2.57 6.81 -5.50
N ALA A 57 3.53 7.56 -4.94
CA ALA A 57 4.03 8.79 -5.55
C ALA A 57 5.54 8.88 -5.29
N CYS A 58 6.30 9.29 -6.31
N CYS A 58 6.29 9.32 -6.29
CA CYS A 58 7.76 9.39 -6.24
CA CYS A 58 7.71 9.55 -6.07
C CYS A 58 8.30 10.60 -7.01
C CYS A 58 8.23 10.69 -6.92
N VAL A 59 9.42 11.18 -6.54
CA VAL A 59 10.12 12.25 -7.26
C VAL A 59 11.62 11.91 -7.27
N SER A 60 12.27 12.06 -8.42
CA SER A 60 13.74 11.80 -8.54
C SER A 60 14.37 13.01 -9.18
N ILE A 61 15.67 13.18 -8.99
CA ILE A 61 16.42 14.11 -9.82
C ILE A 61 17.24 13.32 -10.82
N ARG A 62 16.98 13.56 -12.10
CA ARG A 62 17.69 12.86 -13.17
C ARG A 62 17.78 13.84 -14.33
N LYS A 63 18.91 13.79 -15.06
CA LYS A 63 19.03 14.53 -16.34
C LYS A 63 18.88 16.02 -16.05
N GLY A 64 19.20 16.42 -14.83
CA GLY A 64 19.11 17.80 -14.43
C GLY A 64 17.75 18.39 -14.10
N LYS A 65 16.77 17.54 -13.79
CA LYS A 65 15.39 18.02 -13.56
C LYS A 65 14.67 17.16 -12.52
N GLN A 66 13.59 17.68 -11.93
CA GLN A 66 12.69 16.86 -11.11
C GLN A 66 11.83 16.02 -12.05
N ILE A 67 11.80 14.72 -11.78
CA ILE A 67 10.98 13.76 -12.52
C ILE A 67 10.03 13.15 -11.51
N ASN A 68 8.74 13.10 -11.84
CA ASN A 68 7.76 12.54 -10.92
C ASN A 68 6.92 11.47 -11.54
N SER A 69 6.39 10.59 -10.69
CA SER A 69 5.34 9.68 -11.11
C SER A 69 4.43 9.41 -9.94
N PHE A 70 3.16 9.13 -10.26
CA PHE A 70 2.19 8.72 -9.27
C PHE A 70 1.05 7.93 -9.89
N GLU A 71 0.45 7.04 -9.09
CA GLU A 71 -0.65 6.18 -9.54
C GLU A 71 -1.50 5.87 -8.33
N TYR A 72 -2.77 6.28 -8.41
CA TYR A 72 -3.74 6.26 -7.30
C TYR A 72 -5.11 5.79 -7.76
N ILE A 73 -5.73 5.00 -6.89
CA ILE A 73 -7.19 4.88 -6.88
C ILE A 73 -7.69 5.73 -5.70
N ILE A 74 -8.74 6.51 -5.94
CA ILE A 74 -9.32 7.32 -4.86
C ILE A 74 -10.80 6.96 -4.73
N LYS A 75 -11.20 6.55 -3.53
CA LYS A 75 -12.59 6.22 -3.24
C LYS A 75 -13.10 7.00 -2.07
N PHE A 76 -14.34 7.46 -2.21
CA PHE A 76 -15.01 8.18 -1.16
C PHE A 76 -16.52 8.09 -1.29
N GLU A 77 -17.18 8.65 -0.29
CA GLU A 77 -18.62 8.80 -0.37
C GLU A 77 -19.03 10.28 -0.37
N TRP A 78 -20.19 10.55 -0.96
CA TRP A 78 -20.79 11.87 -0.93
C TRP A 78 -22.04 11.87 -0.05
N LEU A 79 -22.23 12.96 0.68
CA LEU A 79 -23.43 13.15 1.52
C LEU A 79 -24.04 14.53 1.23
N TYR A 80 -25.37 14.59 1.25
CA TYR A 80 -26.10 15.85 1.15
C TYR A 80 -26.73 16.11 2.52
N SER A 81 -26.59 17.32 3.04
CA SER A 81 -27.16 17.67 4.33
C SER A 81 -27.62 19.13 4.37
N TYR A 89 -27.28 13.20 5.76
CA TYR A 89 -27.84 12.08 4.99
C TYR A 89 -26.81 11.43 4.05
N PHE A 90 -26.72 10.11 4.09
CA PHE A 90 -25.85 9.37 3.16
C PHE A 90 -26.40 9.41 1.72
N GLY A 91 -25.55 9.85 0.78
CA GLY A 91 -25.93 9.98 -0.61
C GLY A 91 -25.40 8.87 -1.51
N GLY A 92 -24.19 8.40 -1.22
CA GLY A 92 -23.60 7.32 -2.00
C GLY A 92 -22.09 7.40 -2.12
N SER A 93 -21.54 6.83 -3.19
CA SER A 93 -20.09 6.63 -3.34
C SER A 93 -19.52 7.18 -4.65
N VAL A 94 -18.23 7.52 -4.60
CA VAL A 94 -17.50 8.09 -5.74
C VAL A 94 -16.16 7.34 -5.84
N GLU A 95 -15.74 7.02 -7.07
CA GLU A 95 -14.39 6.50 -7.34
C GLU A 95 -13.66 7.26 -8.45
N ILE A 96 -12.38 7.57 -8.22
CA ILE A 96 -11.51 8.04 -9.26
C ILE A 96 -10.52 6.89 -9.50
N PRO A 97 -10.74 6.12 -10.58
CA PRO A 97 -10.09 4.83 -10.78
C PRO A 97 -8.61 4.93 -11.13
N ASP A 98 -8.23 6.03 -11.80
CA ASP A 98 -6.86 6.22 -12.30
C ASP A 98 -6.41 7.67 -12.23
N PHE A 99 -6.00 8.09 -11.05
CA PHE A 99 -5.41 9.41 -10.86
C PHE A 99 -3.91 9.21 -10.98
N SER A 100 -3.34 9.52 -12.16
CA SER A 100 -1.93 9.19 -12.39
C SER A 100 -1.13 10.31 -13.03
N THR A 101 0.14 10.04 -13.21
CA THR A 101 1.15 11.05 -13.56
C THR A 101 0.68 12.10 -14.52
N PHE A 102 0.11 11.68 -15.66
CA PHE A 102 -0.29 12.63 -16.69
C PHE A 102 -1.77 13.04 -16.70
N SER A 103 -2.51 12.63 -15.68
CA SER A 103 -3.95 12.94 -15.55
C SER A 103 -4.26 14.42 -15.40
N LEU A 104 -3.33 15.17 -14.81
CA LEU A 104 -3.56 16.58 -14.54
C LEU A 104 -3.11 17.53 -15.66
N GLU A 105 -2.50 16.98 -16.73
CA GLU A 105 -2.22 17.77 -17.93
C GLU A 105 -3.52 18.31 -18.53
N GLU A 106 -4.52 17.44 -18.68
CA GLU A 106 -5.81 17.87 -19.25
C GLU A 106 -6.99 17.68 -18.29
N ASN A 107 -6.72 17.14 -17.09
CA ASN A 107 -7.76 16.85 -16.10
C ASN A 107 -8.89 16.06 -16.72
N ASP A 108 -8.50 15.05 -17.49
CA ASP A 108 -9.45 14.30 -18.30
C ASP A 108 -9.46 12.84 -17.91
N TYR A 109 -9.27 12.62 -16.61
CA TYR A 109 -9.41 11.30 -16.02
C TYR A 109 -10.87 11.13 -15.64
N ALA A 110 -11.30 9.88 -15.52
CA ALA A 110 -12.69 9.59 -15.20
C ALA A 110 -12.97 9.70 -13.69
N ILE A 111 -14.19 10.13 -13.36
CA ILE A 111 -14.70 10.10 -11.99
C ILE A 111 -16.02 9.37 -12.08
N ASN A 112 -16.18 8.30 -11.31
CA ASN A 112 -17.45 7.54 -11.22
C ASN A 112 -18.25 7.88 -9.99
N ILE A 113 -19.42 8.46 -10.21
CA ILE A 113 -20.29 8.81 -9.08
C ILE A 113 -21.52 7.89 -9.10
N GLU A 114 -21.81 7.28 -7.95
CA GLU A 114 -23.04 6.51 -7.74
C GLU A 114 -23.90 7.11 -6.61
N ASP A 117 -29.36 4.73 -3.93
CA ASP A 117 -29.33 5.80 -4.92
C ASP A 117 -30.55 5.81 -5.83
N GLU A 118 -31.53 4.96 -5.54
CA GLU A 118 -32.66 4.74 -6.45
C GLU A 118 -33.85 5.69 -6.28
N SER A 119 -33.80 6.58 -5.28
CA SER A 119 -34.88 7.56 -5.05
C SER A 119 -34.78 8.80 -5.95
N GLU A 120 -35.90 9.52 -6.11
CA GLU A 120 -35.98 10.69 -6.99
C GLU A 120 -35.17 11.86 -6.47
N ASN A 121 -35.02 11.95 -5.15
CA ASN A 121 -34.16 12.96 -4.52
C ASN A 121 -32.72 12.85 -5.01
N LEU A 122 -32.13 11.66 -4.84
CA LEU A 122 -30.73 11.43 -5.21
C LEU A 122 -30.53 11.57 -6.72
N ARG A 123 -31.55 11.21 -7.51
CA ARG A 123 -31.47 11.33 -8.96
C ARG A 123 -31.36 12.78 -9.44
N PHE A 124 -32.21 13.66 -8.92
CA PHE A 124 -32.23 15.03 -9.42
C PHE A 124 -30.92 15.78 -9.09
N ILE A 125 -30.49 15.67 -7.85
CA ILE A 125 -29.21 16.21 -7.39
C ILE A 125 -28.02 15.67 -8.20
N TYR A 126 -28.01 14.36 -8.47
CA TYR A 126 -26.97 13.78 -9.32
C TYR A 126 -26.98 14.42 -10.70
N ASP A 127 -28.17 14.55 -11.29
CA ASP A 127 -28.30 15.11 -12.64
C ASP A 127 -28.05 16.62 -12.68
N SER A 128 -28.49 17.33 -11.64
CA SER A 128 -28.49 18.80 -11.62
C SER A 128 -27.20 19.40 -11.02
N ILE A 129 -26.45 18.58 -10.30
CA ILE A 129 -25.24 19.07 -9.63
C ILE A 129 -24.04 18.14 -9.84
N LEU A 130 -24.12 16.92 -9.30
CA LEU A 130 -22.91 16.07 -9.18
C LEU A 130 -22.26 15.72 -10.51
N LYS A 131 -23.10 15.43 -11.50
CA LYS A 131 -22.70 15.04 -12.83
C LYS A 131 -21.74 16.04 -13.52
N LYS A 132 -22.03 17.34 -13.40
CA LYS A 132 -21.17 18.36 -14.02
C LYS A 132 -20.40 19.17 -12.99
N GLU A 133 -21.13 19.95 -12.17
CA GLU A 133 -20.49 20.81 -11.19
C GLU A 133 -19.72 20.03 -10.12
N GLY A 134 -20.28 18.89 -9.70
CA GLY A 134 -19.63 18.04 -8.72
C GLY A 134 -18.26 17.61 -9.24
N LYS A 135 -18.24 17.05 -10.44
CA LYS A 135 -16.99 16.55 -11.03
C LYS A 135 -16.00 17.67 -11.36
N GLU A 136 -16.51 18.82 -11.80
CA GLU A 136 -15.64 19.98 -12.04
C GLU A 136 -14.95 20.42 -10.76
N LYS A 137 -15.72 20.49 -9.66
CA LYS A 137 -15.20 20.94 -8.38
C LYS A 137 -14.16 19.96 -7.84
N ILE A 138 -14.47 18.65 -7.94
CA ILE A 138 -13.54 17.62 -7.51
C ILE A 138 -12.22 17.75 -8.27
N LYS A 139 -12.31 17.88 -9.59
CA LYS A 139 -11.13 18.07 -10.42
C LYS A 139 -10.38 19.38 -10.12
N GLU A 140 -11.12 20.48 -9.92
CA GLU A 140 -10.50 21.74 -9.51
C GLU A 140 -9.72 21.59 -8.19
N CYS A 141 -10.34 20.90 -7.23
N CYS A 141 -10.29 20.88 -7.20
CA CYS A 141 -9.73 20.68 -5.93
CA CYS A 141 -9.64 20.79 -5.90
C CYS A 141 -8.35 20.03 -6.07
C CYS A 141 -8.41 19.86 -5.89
N LEU A 142 -8.28 19.01 -6.91
CA LEU A 142 -7.08 18.18 -7.10
C LEU A 142 -6.12 18.67 -8.21
N LYS A 143 -6.49 19.70 -8.98
CA LYS A 143 -5.74 20.03 -10.21
C LYS A 143 -4.28 20.43 -10.01
N ASN A 144 -3.98 20.91 -8.80
CA ASN A 144 -2.61 21.34 -8.49
C ASN A 144 -1.76 20.31 -7.80
N PHE A 145 -2.24 19.06 -7.77
CA PHE A 145 -1.55 17.97 -7.06
C PHE A 145 -0.11 17.83 -7.50
N GLN A 146 0.11 17.78 -8.82
CA GLN A 146 1.47 17.52 -9.34
C GLN A 146 2.40 18.72 -9.11
N GLU A 147 1.85 19.90 -9.31
CA GLU A 147 2.61 21.10 -9.04
C GLU A 147 2.97 21.18 -7.57
N ASP A 148 2.00 20.84 -6.70
CA ASP A 148 2.22 20.87 -5.27
C ASP A 148 3.16 19.78 -4.79
N LEU A 149 3.18 18.62 -5.48
CA LEU A 149 4.15 17.56 -5.20
C LEU A 149 5.58 18.06 -5.49
N LEU A 150 5.75 18.68 -6.65
CA LEU A 150 7.06 19.19 -7.05
C LEU A 150 7.54 20.29 -6.10
N LYS A 151 6.62 21.15 -5.66
N LYS A 151 6.61 21.16 -5.67
CA LYS A 151 6.94 22.23 -4.74
CA LYS A 151 6.91 22.24 -4.73
C LYS A 151 7.29 21.69 -3.36
C LYS A 151 7.30 21.67 -3.38
N HIS A 152 6.56 20.64 -2.95
CA HIS A 152 6.86 19.95 -1.68
C HIS A 152 8.26 19.35 -1.74
N ASP A 153 8.60 18.67 -2.84
CA ASP A 153 9.91 18.05 -2.93
C ASP A 153 11.03 19.10 -2.91
N LYS A 154 10.82 20.21 -3.61
CA LYS A 154 11.77 21.32 -3.67
C LYS A 154 11.98 21.88 -2.26
N ASN A 155 10.90 22.05 -1.51
CA ASN A 155 11.02 22.61 -0.15
C ASN A 155 11.58 21.57 0.83
N GLU A 156 11.38 20.29 0.52
CA GLU A 156 12.04 19.22 1.26
C GLU A 156 13.57 19.30 1.05
N SER A 157 14.00 19.63 -0.16
CA SER A 157 15.41 19.94 -0.37
C SER A 157 15.82 21.24 0.33
N ASN A 158 14.96 22.26 0.22
CA ASN A 158 15.28 23.56 0.80
C ASN A 158 15.53 23.51 2.31
N LYS A 159 14.83 22.59 2.97
CA LYS A 159 14.92 22.33 4.40
C LYS A 159 16.38 22.21 4.85
N GLU A 160 17.22 21.65 3.99
CA GLU A 160 18.63 21.38 4.33
C GLU A 160 19.59 22.56 4.10
N LEU A 161 19.11 23.65 3.52
CA LEU A 161 19.99 24.73 3.04
C LEU A 161 20.32 25.85 4.03
N LYS A 162 19.67 25.82 5.19
CA LYS A 162 19.81 26.88 6.19
C LYS A 162 19.90 26.23 7.56
N ILE A 163 20.68 25.15 7.62
CA ILE A 163 20.83 24.29 8.80
C ILE A 163 22.28 23.81 8.92
N ASN B 13 -17.24 -31.57 -1.14
CA ASN B 13 -17.39 -32.44 0.04
C ASN B 13 -16.52 -32.02 1.22
N LEU B 14 -15.38 -31.42 0.91
CA LEU B 14 -14.46 -30.99 1.97
C LEU B 14 -15.09 -29.96 2.91
N TYR B 15 -15.85 -29.03 2.33
CA TYR B 15 -16.63 -28.05 3.12
C TYR B 15 -17.65 -28.74 4.05
N PHE B 16 -18.38 -29.73 3.54
CA PHE B 16 -19.34 -30.46 4.36
C PHE B 16 -18.64 -31.25 5.45
N GLN B 17 -17.41 -31.66 5.16
CA GLN B 17 -16.55 -32.36 6.12
C GLN B 17 -15.80 -31.42 7.07
N GLY B 18 -16.12 -30.14 6.97
CA GLY B 18 -15.65 -29.17 7.94
C GLY B 18 -14.42 -28.35 7.56
N GLU B 19 -13.91 -28.53 6.35
CA GLU B 19 -12.79 -27.67 5.91
C GLU B 19 -13.27 -26.24 5.71
N ARG B 20 -12.48 -25.24 6.15
CA ARG B 20 -12.83 -23.83 5.92
C ARG B 20 -11.68 -23.12 5.25
N ASN B 21 -12.02 -22.20 4.35
CA ASN B 21 -11.13 -21.43 3.54
C ASN B 21 -10.89 -20.09 4.24
N TYR B 22 -9.62 -19.78 4.48
CA TYR B 22 -9.24 -18.55 5.19
C TYR B 22 -8.33 -17.66 4.36
N ASN B 23 -8.55 -17.68 3.05
CA ASN B 23 -7.67 -16.93 2.18
C ASN B 23 -7.74 -15.45 2.47
N LYS B 24 -8.94 -14.93 2.69
CA LYS B 24 -9.08 -13.50 3.01
C LYS B 24 -8.32 -13.09 4.31
N TRP B 25 -8.51 -13.85 5.39
CA TRP B 25 -7.79 -13.67 6.65
C TRP B 25 -6.26 -13.75 6.41
N ALA B 26 -5.82 -14.76 5.64
CA ALA B 26 -4.38 -14.98 5.44
C ALA B 26 -3.73 -13.84 4.68
N GLU B 27 -4.37 -13.40 3.59
CA GLU B 27 -3.94 -12.21 2.86
C GLU B 27 -3.84 -11.02 3.80
N SER B 28 -4.89 -10.75 4.57
CA SER B 28 -4.86 -9.64 5.57
C SER B 28 -3.73 -9.75 6.58
N TYR B 29 -3.48 -10.97 7.09
CA TYR B 29 -2.45 -11.19 8.10
C TYR B 29 -1.09 -10.89 7.56
N ILE B 30 -0.82 -11.50 6.41
CA ILE B 30 0.50 -11.34 5.76
C ILE B 30 0.75 -9.84 5.41
N LYS B 31 -0.24 -9.20 4.81
CA LYS B 31 -0.16 -7.75 4.53
C LYS B 31 0.08 -6.90 5.80
N TYR B 32 -0.68 -7.17 6.87
CA TYR B 32 -0.59 -6.36 8.08
C TYR B 32 0.79 -6.47 8.69
N ASN B 33 1.27 -7.71 8.81
CA ASN B 33 2.53 -7.97 9.49
C ASN B 33 3.70 -7.39 8.75
N LEU B 34 3.74 -7.59 7.44
CA LEU B 34 4.86 -7.05 6.67
C LEU B 34 4.77 -5.53 6.52
N SER B 35 3.56 -5.00 6.37
N SER B 35 3.56 -5.01 6.37
CA SER B 35 3.39 -3.54 6.25
CA SER B 35 3.33 -3.56 6.27
C SER B 35 3.66 -2.79 7.56
C SER B 35 3.71 -2.81 7.54
N ASN B 36 3.77 -3.52 8.65
CA ASN B 36 4.13 -2.92 9.95
C ASN B 36 5.54 -3.22 10.42
N LEU B 37 6.26 -4.04 9.65
CA LEU B 37 7.62 -4.45 9.97
C LEU B 37 8.59 -3.32 9.63
N LYS B 38 9.33 -2.89 10.63
CA LYS B 38 10.37 -1.86 10.45
C LYS B 38 11.68 -2.43 10.94
N ILE B 39 12.72 -2.31 10.13
CA ILE B 39 14.06 -2.72 10.54
C ILE B 39 14.80 -1.44 10.90
N GLU B 40 15.06 -1.30 12.19
CA GLU B 40 15.58 -0.06 12.76
C GLU B 40 17.09 -0.14 12.95
N LYS B 41 17.79 0.69 12.19
CA LYS B 41 19.23 0.81 12.32
C LYS B 41 19.52 2.19 12.91
N GLU B 42 20.80 2.51 13.07
CA GLU B 42 21.19 3.79 13.64
C GLU B 42 20.70 5.02 12.84
N ASP B 43 20.90 5.02 11.52
CA ASP B 43 20.63 6.17 10.63
C ASP B 43 19.57 5.83 9.57
N LEU B 44 19.09 4.59 9.62
CA LEU B 44 18.22 4.07 8.55
C LEU B 44 17.06 3.26 9.13
N THR B 45 15.88 3.39 8.53
CA THR B 45 14.78 2.44 8.75
C THR B 45 14.42 1.70 7.47
N ILE B 46 14.43 0.38 7.48
CA ILE B 46 13.88 -0.38 6.32
C ILE B 46 12.38 -0.66 6.53
N TYR B 47 11.55 -0.44 5.50
CA TYR B 47 10.13 -0.81 5.62
C TYR B 47 9.59 -1.36 4.31
N PHE B 48 8.33 -1.81 4.33
CA PHE B 48 7.75 -2.54 3.21
C PHE B 48 6.36 -2.05 2.85
N ASP B 49 5.98 -2.22 1.58
CA ASP B 49 4.70 -1.76 1.06
C ASP B 49 4.33 -2.54 -0.21
N ASN B 50 3.13 -2.26 -0.70
CA ASN B 50 2.66 -2.81 -1.97
C ASN B 50 2.71 -4.33 -2.02
N LEU B 51 2.00 -4.93 -1.07
CA LEU B 51 2.01 -6.37 -0.91
C LEU B 51 0.97 -7.10 -1.77
N GLN B 52 1.44 -7.93 -2.70
CA GLN B 52 0.55 -8.85 -3.42
C GLN B 52 0.66 -10.18 -2.70
N VAL B 53 -0.46 -10.77 -2.29
CA VAL B 53 -0.44 -12.08 -1.59
C VAL B 53 -1.35 -13.04 -2.33
N SER B 54 -0.77 -14.10 -2.90
CA SER B 54 -1.54 -14.98 -3.76
C SER B 54 -1.35 -16.40 -3.32
N GLY B 55 -2.47 -17.10 -3.05
CA GLY B 55 -2.41 -18.51 -2.70
C GLY B 55 -3.65 -18.96 -1.96
N ASN B 56 -3.47 -19.84 -0.98
CA ASN B 56 -4.62 -20.42 -0.28
C ASN B 56 -4.31 -20.78 1.16
N ALA B 57 -5.33 -20.90 1.99
CA ALA B 57 -5.14 -21.32 3.39
C ALA B 57 -6.44 -22.00 3.80
N CYS B 58 -6.35 -23.17 4.39
N CYS B 58 -6.32 -23.21 4.34
CA CYS B 58 -7.54 -23.84 4.91
CA CYS B 58 -7.47 -24.01 4.79
C CYS B 58 -7.21 -24.77 6.06
C CYS B 58 -7.16 -24.73 6.11
N VAL B 59 -8.20 -25.01 6.91
CA VAL B 59 -8.04 -25.86 8.08
C VAL B 59 -9.30 -26.72 8.18
N SER B 60 -9.11 -27.98 8.54
CA SER B 60 -10.22 -28.87 8.90
C SER B 60 -9.92 -29.49 10.26
N ILE B 61 -10.92 -30.18 10.82
CA ILE B 61 -10.75 -30.87 12.08
C ILE B 61 -10.93 -32.37 11.83
N ARG B 62 -9.91 -33.11 12.23
CA ARG B 62 -9.89 -34.56 12.06
C ARG B 62 -9.64 -35.18 13.43
N LYS B 63 -10.61 -35.92 13.95
CA LYS B 63 -10.44 -36.61 15.23
C LYS B 63 -9.90 -35.71 16.35
N GLY B 64 -10.48 -34.53 16.47
CA GLY B 64 -10.11 -33.59 17.53
C GLY B 64 -8.89 -32.73 17.21
N LYS B 65 -8.35 -32.89 16.01
CA LYS B 65 -7.07 -32.23 15.70
C LYS B 65 -7.22 -31.30 14.52
N GLN B 66 -6.56 -30.14 14.59
CA GLN B 66 -6.51 -29.26 13.44
C GLN B 66 -5.49 -29.72 12.40
N ILE B 67 -5.96 -29.83 11.16
CA ILE B 67 -5.11 -30.16 10.01
C ILE B 67 -5.11 -28.93 9.12
N ASN B 68 -3.94 -28.35 8.84
CA ASN B 68 -3.90 -27.15 7.99
C ASN B 68 -3.14 -27.34 6.68
N SER B 69 -3.50 -26.56 5.67
CA SER B 69 -2.73 -26.50 4.43
C SER B 69 -2.74 -25.04 3.96
N PHE B 70 -1.55 -24.44 3.81
CA PHE B 70 -1.48 -23.15 3.17
C PHE B 70 -0.27 -23.07 2.25
N GLU B 71 -0.36 -22.19 1.26
N GLU B 71 -0.36 -22.16 1.28
CA GLU B 71 0.78 -21.89 0.38
CA GLU B 71 0.76 -21.88 0.38
C GLU B 71 0.55 -20.50 -0.21
C GLU B 71 0.54 -20.48 -0.20
N TYR B 72 1.58 -19.66 -0.15
CA TYR B 72 1.52 -18.26 -0.68
C TYR B 72 2.75 -17.90 -1.46
N ILE B 73 2.51 -17.10 -2.51
N ILE B 73 2.55 -17.12 -2.53
CA ILE B 73 3.52 -16.27 -3.13
CA ILE B 73 3.60 -16.30 -3.05
C ILE B 73 3.29 -14.88 -2.55
C ILE B 73 3.31 -14.90 -2.52
N ILE B 74 4.35 -14.28 -1.99
CA ILE B 74 4.23 -12.95 -1.39
C ILE B 74 5.20 -12.06 -2.16
N LYS B 75 4.68 -11.08 -2.86
CA LYS B 75 5.51 -10.18 -3.69
C LYS B 75 5.21 -8.74 -3.31
N PHE B 76 6.26 -8.01 -2.92
CA PHE B 76 6.07 -6.71 -2.35
C PHE B 76 7.28 -5.85 -2.62
N GLU B 77 7.28 -4.65 -2.06
CA GLU B 77 8.38 -3.74 -2.27
C GLU B 77 9.05 -3.33 -0.95
N TRP B 78 10.33 -3.00 -1.00
CA TRP B 78 11.03 -2.49 0.19
C TRP B 78 11.44 -1.05 -0.03
N LEU B 79 11.51 -0.30 1.06
CA LEU B 79 11.80 1.13 1.02
C LEU B 79 12.71 1.43 2.21
N TYR B 80 13.27 2.63 2.22
CA TYR B 80 14.08 3.01 3.37
C TYR B 80 13.95 4.47 3.71
N SER B 81 14.10 4.78 5.00
N SER B 81 14.14 4.78 4.98
CA SER B 81 14.12 6.15 5.48
CA SER B 81 14.12 6.13 5.47
C SER B 81 15.51 6.46 6.00
C SER B 81 15.50 6.47 6.03
N LYS B 82 16.05 7.59 5.59
CA LYS B 82 17.28 8.12 6.15
C LYS B 82 16.82 8.83 7.41
N LYS B 83 16.87 8.08 8.52
CA LYS B 83 16.19 8.32 9.82
C LYS B 83 16.46 9.69 10.38
N LYS B 84 17.74 10.05 10.39
CA LYS B 84 18.15 11.34 10.93
C LYS B 84 17.80 12.49 9.98
N GLU B 85 17.44 12.19 8.73
CA GLU B 85 17.19 13.27 7.73
C GLU B 85 15.74 13.45 7.18
N GLY B 86 14.81 12.58 7.57
CA GLY B 86 13.40 12.72 7.19
C GLY B 86 13.11 12.65 5.70
N LYS B 87 13.74 11.67 5.05
CA LYS B 87 13.55 11.40 3.62
C LYS B 87 13.32 9.91 3.42
N ASP B 88 12.24 9.55 2.72
CA ASP B 88 11.94 8.15 2.40
C ASP B 88 12.24 7.87 0.93
N TYR B 89 12.75 6.69 0.63
CA TYR B 89 13.15 6.31 -0.72
C TYR B 89 12.64 4.92 -1.10
N PHE B 90 12.37 4.72 -2.38
CA PHE B 90 12.10 3.40 -2.91
C PHE B 90 13.39 2.57 -3.09
N GLY B 91 13.34 1.31 -2.67
CA GLY B 91 14.51 0.42 -2.73
C GLY B 91 14.44 -0.67 -3.79
N GLY B 92 13.33 -1.39 -3.81
CA GLY B 92 13.20 -2.46 -4.79
C GLY B 92 12.10 -3.44 -4.43
N SER B 93 12.28 -4.67 -4.88
CA SER B 93 11.24 -5.71 -4.74
C SER B 93 11.72 -6.84 -3.85
N VAL B 94 10.74 -7.53 -3.25
CA VAL B 94 10.97 -8.72 -2.45
C VAL B 94 9.95 -9.75 -2.90
N GLU B 95 10.43 -10.97 -3.12
CA GLU B 95 9.56 -12.07 -3.53
C GLU B 95 9.81 -13.28 -2.67
N ILE B 96 8.73 -13.79 -2.08
CA ILE B 96 8.81 -15.04 -1.35
C ILE B 96 7.98 -16.01 -2.16
N PRO B 97 8.63 -16.86 -2.95
CA PRO B 97 7.83 -17.59 -3.93
C PRO B 97 7.07 -18.77 -3.34
N ASP B 98 7.47 -19.21 -2.14
CA ASP B 98 6.92 -20.43 -1.58
C ASP B 98 6.78 -20.38 -0.06
N PHE B 99 5.81 -19.64 0.42
CA PHE B 99 5.58 -19.58 1.87
C PHE B 99 4.44 -20.57 2.16
N SER B 100 4.75 -21.71 2.76
CA SER B 100 3.80 -22.80 2.81
C SER B 100 3.85 -23.58 4.12
N THR B 101 2.86 -24.44 4.33
CA THR B 101 2.96 -25.37 5.49
C THR B 101 4.33 -26.06 5.55
N PHE B 102 4.82 -26.55 4.43
CA PHE B 102 6.08 -27.33 4.35
C PHE B 102 7.30 -26.43 4.60
N SER B 103 7.36 -25.27 3.94
CA SER B 103 8.56 -24.42 4.02
C SER B 103 8.63 -23.64 5.35
N LEU B 104 7.48 -23.44 6.00
CA LEU B 104 7.48 -22.77 7.29
C LEU B 104 8.03 -23.68 8.38
N GLU B 105 7.78 -24.98 8.27
CA GLU B 105 8.13 -25.96 9.29
C GLU B 105 9.63 -25.94 9.50
N GLU B 106 10.36 -26.00 8.38
CA GLU B 106 11.81 -25.88 8.39
C GLU B 106 12.34 -24.44 8.35
N ASN B 107 11.44 -23.44 8.32
CA ASN B 107 11.78 -22.01 8.19
C ASN B 107 12.84 -21.74 7.07
N ASP B 108 12.83 -22.59 6.04
CA ASP B 108 13.89 -22.57 5.02
C ASP B 108 13.49 -22.02 3.65
N TYR B 109 12.39 -21.27 3.58
CA TYR B 109 11.92 -20.73 2.31
C TYR B 109 12.81 -19.61 1.79
N ALA B 110 12.87 -19.47 0.47
CA ALA B 110 13.62 -18.38 -0.20
C ALA B 110 12.95 -17.03 -0.03
N ILE B 111 13.78 -16.00 0.16
CA ILE B 111 13.34 -14.61 0.09
C ILE B 111 14.28 -13.94 -0.91
N ASN B 112 13.73 -13.54 -2.05
CA ASN B 112 14.54 -12.95 -3.12
C ASN B 112 14.34 -11.46 -3.12
N ILE B 113 15.44 -10.72 -2.88
CA ILE B 113 15.39 -9.26 -2.79
C ILE B 113 16.18 -8.66 -3.94
N GLU B 114 15.53 -7.74 -4.63
CA GLU B 114 16.15 -7.02 -5.76
C GLU B 114 16.24 -5.54 -5.50
N ARG B 115 17.18 -4.89 -6.19
N ARG B 115 17.20 -4.90 -6.17
CA ARG B 115 17.35 -3.44 -6.10
CA ARG B 115 17.36 -3.44 -6.11
C ARG B 115 16.77 -2.80 -7.36
C ARG B 115 16.76 -2.80 -7.36
N THR B 116 16.10 -1.66 -7.20
CA THR B 116 15.46 -0.97 -8.33
C THR B 116 16.43 -0.46 -9.41
N ASP B 117 17.65 -0.16 -9.01
CA ASP B 117 18.67 0.33 -9.93
C ASP B 117 20.04 -0.10 -9.42
N GLU B 118 21.07 0.20 -10.20
CA GLU B 118 22.39 -0.26 -9.90
C GLU B 118 23.22 0.72 -9.06
N SER B 119 22.57 1.72 -8.47
CA SER B 119 23.30 2.73 -7.68
C SER B 119 24.06 2.22 -6.44
N GLU B 120 25.14 2.93 -6.11
CA GLU B 120 25.98 2.62 -4.95
C GLU B 120 25.25 2.64 -3.60
N ASN B 121 24.36 3.62 -3.42
CA ASN B 121 23.54 3.67 -2.18
C ASN B 121 22.72 2.41 -1.91
N LEU B 122 22.04 1.89 -2.92
CA LEU B 122 21.23 0.69 -2.75
C LEU B 122 22.06 -0.56 -2.57
N ARG B 123 23.21 -0.62 -3.24
N ARG B 123 23.22 -0.61 -3.24
CA ARG B 123 24.11 -1.76 -3.04
CA ARG B 123 24.15 -1.72 -3.07
C ARG B 123 24.55 -1.81 -1.58
C ARG B 123 24.58 -1.81 -1.61
N PHE B 124 24.91 -0.66 -1.02
CA PHE B 124 25.33 -0.60 0.38
C PHE B 124 24.22 -1.09 1.31
N ILE B 125 23.00 -0.60 1.09
CA ILE B 125 21.84 -1.00 1.91
C ILE B 125 21.59 -2.49 1.79
N TYR B 126 21.55 -2.98 0.56
CA TYR B 126 21.35 -4.42 0.33
C TYR B 126 22.41 -5.26 1.03
N ASP B 127 23.69 -4.98 0.77
CA ASP B 127 24.78 -5.77 1.35
C ASP B 127 24.85 -5.66 2.87
N SER B 128 24.67 -4.46 3.40
CA SER B 128 24.91 -4.24 4.82
C SER B 128 23.75 -4.66 5.71
N ILE B 129 22.53 -4.60 5.19
CA ILE B 129 21.35 -4.83 6.00
C ILE B 129 20.45 -5.94 5.44
N LEU B 130 20.15 -5.86 4.15
CA LEU B 130 19.02 -6.67 3.61
C LEU B 130 19.33 -8.15 3.43
N LYS B 131 20.49 -8.45 2.85
CA LYS B 131 20.80 -9.81 2.42
C LYS B 131 20.86 -10.80 3.57
N LYS B 132 21.14 -10.33 4.78
CA LYS B 132 21.15 -11.23 5.92
C LYS B 132 20.11 -10.82 6.98
N GLU B 133 20.32 -9.68 7.66
CA GLU B 133 19.40 -9.23 8.73
C GLU B 133 17.96 -8.99 8.23
N GLY B 134 17.84 -8.36 7.07
CA GLY B 134 16.51 -8.10 6.50
C GLY B 134 15.69 -9.36 6.31
N LYS B 135 16.34 -10.36 5.71
CA LYS B 135 15.72 -11.66 5.50
C LYS B 135 15.39 -12.30 6.85
N GLU B 136 16.30 -12.22 7.81
CA GLU B 136 16.06 -12.77 9.14
C GLU B 136 14.80 -12.13 9.76
N LYS B 137 14.67 -10.81 9.65
CA LYS B 137 13.57 -10.09 10.30
C LYS B 137 12.23 -10.37 9.61
N ILE B 138 12.27 -10.52 8.28
CA ILE B 138 11.05 -10.91 7.52
C ILE B 138 10.56 -12.28 8.01
N LYS B 139 11.48 -13.23 8.14
CA LYS B 139 11.10 -14.58 8.61
C LYS B 139 10.53 -14.53 10.02
N GLU B 140 11.14 -13.72 10.88
CA GLU B 140 10.64 -13.56 12.25
C GLU B 140 9.22 -12.98 12.24
N CYS B 141 9.00 -11.98 11.38
N CYS B 141 8.95 -11.98 11.38
CA CYS B 141 7.71 -11.35 11.19
CA CYS B 141 7.61 -11.40 11.39
C CYS B 141 6.62 -12.37 10.86
C CYS B 141 6.55 -12.35 10.82
N LEU B 142 6.95 -13.33 10.02
CA LEU B 142 5.98 -14.31 9.47
C LEU B 142 5.90 -15.65 10.24
N LYS B 143 6.78 -15.84 11.21
N LYS B 143 6.79 -15.85 11.20
CA LYS B 143 6.97 -17.16 11.82
CA LYS B 143 6.95 -17.19 11.78
C LYS B 143 5.74 -17.73 12.54
C LYS B 143 5.74 -17.73 12.56
N ASN B 144 4.86 -16.85 13.04
CA ASN B 144 3.65 -17.30 13.78
C ASN B 144 2.43 -17.51 12.89
N PHE B 145 2.63 -17.51 11.57
CA PHE B 145 1.51 -17.59 10.65
C PHE B 145 0.61 -18.79 10.96
N GLN B 146 1.22 -19.97 11.12
CA GLN B 146 0.45 -21.20 11.27
C GLN B 146 -0.28 -21.18 12.60
N GLU B 147 0.42 -20.79 13.66
CA GLU B 147 -0.29 -20.65 14.96
C GLU B 147 -1.44 -19.66 14.92
N ASP B 148 -1.24 -18.51 14.29
CA ASP B 148 -2.34 -17.57 14.18
C ASP B 148 -3.48 -18.04 13.30
N LEU B 149 -3.13 -18.76 12.23
CA LEU B 149 -4.16 -19.39 11.38
C LEU B 149 -5.03 -20.35 12.20
N LEU B 150 -4.38 -21.14 13.04
CA LEU B 150 -5.11 -22.11 13.90
C LEU B 150 -5.99 -21.43 14.93
N LYS B 151 -5.54 -20.31 15.50
CA LYS B 151 -6.40 -19.54 16.41
C LYS B 151 -7.58 -18.94 15.67
N HIS B 152 -7.34 -18.44 14.45
CA HIS B 152 -8.43 -17.91 13.63
C HIS B 152 -9.47 -19.02 13.38
N ASP B 153 -8.97 -20.21 13.06
CA ASP B 153 -9.83 -21.38 12.82
C ASP B 153 -10.71 -21.71 14.01
N LYS B 154 -10.12 -21.75 15.20
CA LYS B 154 -10.90 -21.91 16.45
C LYS B 154 -12.05 -20.90 16.57
N ASN B 155 -11.83 -19.63 16.23
N ASN B 155 -11.78 -19.64 16.22
CA ASN B 155 -12.94 -18.69 16.32
CA ASN B 155 -12.78 -18.58 16.21
C ASN B 155 -14.02 -18.92 15.26
C ASN B 155 -13.95 -18.89 15.27
N GLU B 156 -13.65 -19.52 14.13
CA GLU B 156 -14.66 -19.86 13.12
C GLU B 156 -15.54 -20.97 13.68
N SER B 157 -14.90 -21.90 14.38
CA SER B 157 -15.64 -22.94 15.09
C SER B 157 -16.63 -22.35 16.10
N ASN B 158 -16.17 -21.36 16.87
CA ASN B 158 -17.07 -20.62 17.77
C ASN B 158 -18.24 -19.96 17.06
N LYS B 159 -17.93 -19.28 15.96
CA LYS B 159 -18.93 -18.57 15.17
C LYS B 159 -20.05 -19.50 14.72
N GLU B 160 -19.67 -20.72 14.29
CA GLU B 160 -20.63 -21.67 13.70
C GLU B 160 -21.43 -22.45 14.74
N LEU B 161 -20.84 -22.63 15.92
CA LEU B 161 -21.38 -23.58 16.88
C LEU B 161 -21.63 -23.07 18.30
N LYS B 162 -21.14 -21.87 18.62
CA LYS B 162 -21.23 -21.33 19.99
C LYS B 162 -21.94 -19.97 20.15
N ILE B 163 -21.85 -19.12 19.13
CA ILE B 163 -22.48 -17.80 19.19
C ILE B 163 -23.97 -17.91 18.88
N LYS B 164 -24.82 -17.40 19.78
CA LYS B 164 -26.26 -17.33 19.51
C LYS B 164 -26.71 -15.94 19.06
S SCN C . 13.22 -3.82 -8.22
C SCN C . 11.51 -3.30 -8.48
N SCN C . 10.40 -2.93 -8.61
#